data_4MY6
#
_entry.id   4MY6
#
_cell.length_a   89.830
_cell.length_b   131.420
_cell.length_c   35.560
_cell.angle_alpha   90.00
_cell.angle_beta   90.00
_cell.angle_gamma   90.00
#
_symmetry.space_group_name_H-M   'C 2 2 2'
#
loop_
_entity.id
_entity.type
_entity.pdbx_description
1 polymer 'Protein enabled homolog'
2 non-polymer "(3aR,5aS,8S,10aS)-1-[(3S,6R,8aS)-1'-[(2S)-2-acetamido-3-(2-chlorophenyl)propanoyl]-5-oxidanylidene-spiro[1,2,3,8a-tetrahydroindolizine-6,2'-pyrrolidine]-3-yl]carbonyl-10-oxidanylidene-2,3,3a,5a,8,10a-hexahydrodipyrrolo[3,2-b:3',1'-f]azepine-8-carboxylic acid"
3 non-polymer 'BROMIDE ION'
4 water water
#
_entity_poly.entity_id   1
_entity_poly.type   'polypeptide(L)'
_entity_poly.pdbx_seq_one_letter_code
;GSMSEQSICQARAAVMVYDDANKKWVPAGGSTGFSRVHIYHHTGNNTFRVVGRKIQDHQVVINCAIPKGLKYNQATQTFH
QWRDARQVYGLNFGSKEDANVFASAMMHALEVL
;
_entity_poly.pdbx_strand_id   A,B
#
# COMPACT_ATOMS: atom_id res chain seq x y z
N SER A 4 -23.93 -2.06 -12.70
CA SER A 4 -24.23 -1.71 -11.29
C SER A 4 -23.23 -2.38 -10.31
N GLU A 5 -23.52 -2.26 -9.02
CA GLU A 5 -22.64 -2.76 -7.97
C GLU A 5 -23.37 -3.76 -7.06
N GLN A 6 -22.67 -4.86 -6.73
CA GLN A 6 -23.25 -5.99 -6.04
C GLN A 6 -22.38 -6.48 -4.87
N SER A 7 -22.99 -6.71 -3.72
CA SER A 7 -22.29 -7.31 -2.57
C SER A 7 -22.08 -8.80 -2.79
N ILE A 8 -20.82 -9.24 -2.77
CA ILE A 8 -20.55 -10.63 -3.09
C ILE A 8 -20.36 -11.43 -1.82
N CYS A 9 -20.17 -10.73 -0.69
CA CYS A 9 -19.99 -11.40 0.60
C CYS A 9 -20.07 -10.36 1.69
N GLN A 10 -20.48 -10.79 2.86
CA GLN A 10 -20.33 -9.91 4.01
C GLN A 10 -20.05 -10.70 5.25
N ALA A 11 -19.46 -9.99 6.19
CA ALA A 11 -19.10 -10.58 7.44
C ALA A 11 -19.07 -9.50 8.53
N ARG A 12 -19.23 -9.92 9.77
CA ARG A 12 -19.17 -8.95 10.88
C ARG A 12 -17.73 -8.87 11.37
N ALA A 13 -17.23 -7.65 11.61
CA ALA A 13 -15.87 -7.49 12.07
C ALA A 13 -15.76 -6.11 12.67
N ALA A 14 -14.94 -6.02 13.71
CA ALA A 14 -14.43 -4.70 14.24
C ALA A 14 -13.29 -4.24 13.33
N VAL A 15 -13.50 -3.09 12.69
CA VAL A 15 -12.55 -2.63 11.68
C VAL A 15 -11.58 -1.69 12.40
N MET A 16 -10.30 -1.91 12.14
CA MET A 16 -9.23 -1.19 12.80
C MET A 16 -8.24 -0.68 11.75
N VAL A 17 -7.56 0.39 12.11
CA VAL A 17 -6.43 0.84 11.33
C VAL A 17 -5.19 0.96 12.18
N TYR A 18 -4.04 0.80 11.54
CA TYR A 18 -2.81 0.84 12.31
C TYR A 18 -2.26 2.27 12.42
N ASP A 19 -2.03 2.71 13.64
CA ASP A 19 -1.45 4.04 13.85
C ASP A 19 0.08 3.93 13.81
N ASP A 20 0.64 4.22 12.63
CA ASP A 20 2.08 3.98 12.29
C ASP A 20 2.93 4.67 13.37
N ALA A 21 2.55 5.91 13.70
CA ALA A 21 3.29 6.73 14.68
C ALA A 21 3.36 6.15 16.09
N ASN A 22 2.26 5.65 16.66
CA ASN A 22 2.24 5.01 18.01
C ASN A 22 2.37 3.48 18.11
N LYS A 23 2.54 2.81 16.96
CA LYS A 23 2.58 1.32 16.95
C LYS A 23 1.38 0.66 17.65
N LYS A 24 0.16 1.10 17.35
CA LYS A 24 -0.98 0.39 17.87
C LYS A 24 -2.15 0.50 16.90
N TRP A 25 -3.08 -0.40 17.09
CA TRP A 25 -4.26 -0.43 16.26
C TRP A 25 -5.32 0.40 16.92
N VAL A 26 -6.04 1.17 16.11
CA VAL A 26 -7.14 2.00 16.63
C VAL A 26 -8.40 1.70 15.85
N PRO A 27 -9.59 1.97 16.45
CA PRO A 27 -10.83 1.64 15.73
C PRO A 27 -11.07 2.60 14.55
N ALA A 28 -11.34 2.05 13.36
CA ALA A 28 -11.72 2.80 12.18
C ALA A 28 -12.93 3.67 12.43
N GLY A 29 -12.81 4.96 12.14
CA GLY A 29 -13.95 5.84 12.32
C GLY A 29 -14.07 6.39 13.70
N GLY A 30 -13.23 5.94 14.63
CA GLY A 30 -13.10 6.57 15.95
C GLY A 30 -13.64 5.82 17.16
N SER A 31 -14.51 4.84 16.94
CA SER A 31 -15.05 4.13 18.11
C SER A 31 -15.15 2.65 17.89
N THR A 32 -14.88 1.87 18.93
CA THR A 32 -14.81 0.41 18.80
C THR A 32 -16.19 -0.24 18.71
N GLY A 33 -16.36 -1.14 17.73
CA GLY A 33 -17.62 -1.92 17.67
C GLY A 33 -17.67 -2.68 16.38
N PHE A 34 -18.64 -3.58 16.27
CA PHE A 34 -18.74 -4.37 15.07
C PHE A 34 -19.39 -3.63 13.91
N SER A 35 -18.85 -3.90 12.72
CA SER A 35 -19.41 -3.41 11.48
C SER A 35 -19.79 -4.60 10.59
N ARG A 36 -20.67 -4.33 9.63
CA ARG A 36 -20.97 -5.28 8.57
C ARG A 36 -20.05 -4.90 7.44
N VAL A 37 -19.14 -5.82 7.12
CA VAL A 37 -18.11 -5.55 6.11
C VAL A 37 -18.43 -6.37 4.86
N HIS A 38 -18.58 -5.67 3.74
CA HIS A 38 -18.93 -6.26 2.44
C HIS A 38 -17.74 -6.17 1.50
N ILE A 39 -17.62 -7.13 0.57
CA ILE A 39 -16.83 -6.93 -0.64
C ILE A 39 -17.89 -6.70 -1.73
N TYR A 40 -17.79 -5.56 -2.44
CA TYR A 40 -18.69 -5.21 -3.55
C TYR A 40 -17.95 -5.35 -4.85
N HIS A 41 -18.63 -5.85 -5.89
CA HIS A 41 -18.08 -5.90 -7.24
C HIS A 41 -18.85 -4.89 -8.11
N HIS A 42 -18.14 -4.10 -8.91
CA HIS A 42 -18.79 -3.24 -9.88
C HIS A 42 -18.53 -3.78 -11.29
N THR A 43 -19.61 -4.09 -12.02
CA THR A 43 -19.46 -4.61 -13.39
C THR A 43 -19.08 -3.50 -14.41
N GLY A 44 -18.49 -3.90 -15.52
CA GLY A 44 -18.01 -2.95 -16.54
C GLY A 44 -16.52 -2.86 -16.46
N ASN A 45 -16.02 -2.18 -15.43
CA ASN A 45 -14.59 -2.04 -15.23
C ASN A 45 -14.02 -3.10 -14.28
N ASN A 46 -14.87 -4.05 -13.88
CA ASN A 46 -14.44 -5.21 -13.09
C ASN A 46 -13.63 -4.83 -11.85
N THR A 47 -14.20 -4.03 -10.96
CA THR A 47 -13.50 -3.61 -9.76
C THR A 47 -14.19 -4.19 -8.51
N PHE A 48 -13.42 -4.31 -7.44
CA PHE A 48 -13.95 -4.74 -6.16
C PHE A 48 -13.58 -3.72 -5.13
N ARG A 49 -14.42 -3.57 -4.12
CA ARG A 49 -14.03 -2.74 -2.97
C ARG A 49 -14.57 -3.31 -1.66
N VAL A 50 -13.90 -2.99 -0.59
CA VAL A 50 -14.35 -3.35 0.76
C VAL A 50 -15.08 -2.15 1.35
N VAL A 51 -16.30 -2.37 1.80
CA VAL A 51 -17.10 -1.30 2.40
C VAL A 51 -17.67 -1.85 3.70
N GLY A 52 -17.38 -1.15 4.81
CA GLY A 52 -17.91 -1.53 6.11
C GLY A 52 -18.69 -0.43 6.79
N ARG A 53 -19.80 -0.80 7.42
CA ARG A 53 -20.68 0.16 8.10
C ARG A 53 -20.90 -0.36 9.49
N LYS A 54 -20.75 0.54 10.47
CA LYS A 54 -20.97 0.19 11.83
C LYS A 54 -22.43 -0.28 12.03
N ILE A 55 -22.60 -1.34 12.79
CA ILE A 55 -23.93 -1.94 12.94
C ILE A 55 -24.85 -0.99 13.72
N GLN A 56 -24.27 -0.30 14.70
CA GLN A 56 -25.09 0.60 15.54
C GLN A 56 -25.62 1.87 14.84
N ASP A 57 -24.85 2.49 13.96
CA ASP A 57 -25.19 3.80 13.42
C ASP A 57 -24.86 4.01 11.97
N HIS A 58 -24.47 2.93 11.27
CA HIS A 58 -24.27 2.95 9.83
C HIS A 58 -23.10 3.78 9.39
N GLN A 59 -22.26 4.21 10.33
CA GLN A 59 -21.09 4.99 9.97
C GLN A 59 -20.25 4.14 9.03
N VAL A 60 -19.87 4.71 7.89
CA VAL A 60 -18.92 4.07 6.99
C VAL A 60 -17.54 4.17 7.59
N VAL A 61 -16.99 3.02 7.98
CA VAL A 61 -15.71 3.01 8.68
C VAL A 61 -14.57 2.59 7.76
N ILE A 62 -14.93 2.01 6.61
CA ILE A 62 -13.93 1.58 5.62
C ILE A 62 -14.57 1.58 4.24
N ASN A 63 -13.82 2.06 3.26
CA ASN A 63 -14.29 2.12 1.92
C ASN A 63 -13.03 2.14 1.10
N CYS A 64 -12.57 0.97 0.73
CA CYS A 64 -11.29 0.96 0.04
C CYS A 64 -11.25 0.00 -1.12
N ALA A 65 -10.51 0.38 -2.13
CA ALA A 65 -10.39 -0.39 -3.35
C ALA A 65 -9.62 -1.70 -3.09
N ILE A 66 -9.94 -2.77 -3.83
CA ILE A 66 -9.15 -3.99 -3.83
C ILE A 66 -8.44 -4.03 -5.21
N PRO A 67 -7.17 -3.61 -5.24
CA PRO A 67 -6.37 -3.62 -6.47
C PRO A 67 -5.91 -5.00 -6.82
N LYS A 68 -5.62 -5.26 -8.09
CA LYS A 68 -5.12 -6.59 -8.41
C LYS A 68 -3.78 -6.84 -7.73
N GLY A 69 -3.58 -8.06 -7.26
CA GLY A 69 -2.38 -8.41 -6.53
C GLY A 69 -2.30 -7.91 -5.08
N LEU A 70 -3.38 -7.30 -4.58
CA LEU A 70 -3.41 -6.99 -3.12
C LEU A 70 -3.01 -8.21 -2.32
N LYS A 71 -2.16 -7.98 -1.32
CA LYS A 71 -1.65 -9.01 -0.38
C LYS A 71 -2.53 -9.00 0.86
N TYR A 72 -3.35 -10.03 0.99
CA TYR A 72 -4.29 -10.10 2.09
C TYR A 72 -3.72 -11.08 3.11
N ASN A 73 -3.45 -10.61 4.33
CA ASN A 73 -2.72 -11.37 5.32
C ASN A 73 -3.62 -11.95 6.42
N GLN A 74 -3.65 -13.26 6.58
CA GLN A 74 -4.46 -13.86 7.62
C GLN A 74 -3.56 -14.03 8.84
N ALA A 75 -3.44 -12.98 9.65
CA ALA A 75 -2.48 -12.92 10.75
C ALA A 75 -2.80 -13.94 11.85
N THR A 76 -4.10 -14.02 12.20
CA THR A 76 -4.57 -15.03 13.14
C THR A 76 -5.86 -15.58 12.58
N GLN A 77 -6.45 -16.51 13.31
CA GLN A 77 -7.69 -17.10 12.83
C GLN A 77 -8.82 -16.10 12.72
N THR A 78 -8.76 -14.98 13.45
CA THR A 78 -9.86 -14.02 13.35
C THR A 78 -9.44 -12.57 13.15
N PHE A 79 -8.16 -12.33 12.93
CA PHE A 79 -7.68 -10.98 12.55
C PHE A 79 -6.94 -11.04 11.21
N HIS A 80 -7.48 -10.36 10.20
CA HIS A 80 -6.83 -10.33 8.89
C HIS A 80 -6.54 -8.88 8.55
N GLN A 81 -5.63 -8.66 7.62
CA GLN A 81 -5.14 -7.29 7.37
C GLN A 81 -4.63 -7.14 5.93
N TRP A 82 -4.60 -5.90 5.48
CA TRP A 82 -4.02 -5.52 4.19
C TRP A 82 -3.63 -4.06 4.24
N ARG A 83 -2.94 -3.59 3.23
CA ARG A 83 -2.47 -2.21 3.33
C ARG A 83 -2.76 -1.43 2.06
N ASP A 84 -2.71 -0.12 2.18
CA ASP A 84 -2.45 0.71 1.01
C ASP A 84 -1.38 1.74 1.39
N ALA A 85 -1.16 2.69 0.51
CA ALA A 85 -0.10 3.67 0.71
C ALA A 85 -0.29 4.45 2.02
N ARG A 86 -1.56 4.66 2.39
CA ARG A 86 -1.91 5.59 3.47
C ARG A 86 -2.09 4.90 4.82
N GLN A 87 -2.59 3.66 4.81
CA GLN A 87 -3.04 3.01 6.04
C GLN A 87 -2.93 1.52 5.89
N VAL A 88 -2.83 0.84 7.03
CA VAL A 88 -3.00 -0.58 7.11
C VAL A 88 -4.34 -0.83 7.79
N TYR A 89 -5.13 -1.71 7.19
CA TYR A 89 -6.48 -2.06 7.69
C TYR A 89 -6.45 -3.40 8.34
N GLY A 90 -7.24 -3.57 9.40
CA GLY A 90 -7.33 -4.86 10.09
C GLY A 90 -8.78 -5.15 10.37
N LEU A 91 -9.20 -6.41 10.18
CA LEU A 91 -10.58 -6.82 10.51
C LEU A 91 -10.48 -7.81 11.64
N ASN A 92 -11.10 -7.50 12.78
CA ASN A 92 -11.14 -8.41 13.93
C ASN A 92 -12.53 -9.07 13.85
N PHE A 93 -12.59 -10.29 13.31
CA PHE A 93 -13.86 -10.94 13.03
C PHE A 93 -14.51 -11.45 14.29
N GLY A 94 -15.84 -11.52 14.22
CA GLY A 94 -16.68 -12.11 15.26
C GLY A 94 -16.48 -13.59 15.55
N SER A 95 -15.96 -14.36 14.57
CA SER A 95 -15.71 -15.83 14.67
C SER A 95 -14.79 -16.28 13.54
N LYS A 96 -14.20 -17.45 13.70
CA LYS A 96 -13.31 -18.05 12.73
C LYS A 96 -14.08 -18.26 11.42
N GLU A 97 -15.34 -18.61 11.58
CA GLU A 97 -16.20 -18.88 10.41
C GLU A 97 -16.43 -17.63 9.56
N ASP A 98 -16.74 -16.48 10.21
CA ASP A 98 -16.92 -15.17 9.56
C ASP A 98 -15.59 -14.88 8.80
N ALA A 99 -14.45 -15.09 9.48
CA ALA A 99 -13.11 -14.79 8.90
C ALA A 99 -12.89 -15.63 7.67
N ASN A 100 -13.21 -16.91 7.78
CA ASN A 100 -12.93 -17.83 6.65
C ASN A 100 -13.79 -17.47 5.47
N VAL A 101 -15.02 -17.06 5.75
CA VAL A 101 -15.93 -16.67 4.63
C VAL A 101 -15.38 -15.45 3.91
N PHE A 102 -14.98 -14.46 4.72
CA PHE A 102 -14.48 -13.23 4.14
C PHE A 102 -13.19 -13.46 3.36
N ALA A 103 -12.24 -14.14 4.02
CA ALA A 103 -10.98 -14.50 3.36
C ALA A 103 -11.19 -15.21 2.05
N SER A 104 -12.13 -16.18 2.06
CA SER A 104 -12.37 -16.93 0.81
C SER A 104 -12.91 -16.03 -0.31
N ALA A 105 -13.84 -15.14 0.04
CA ALA A 105 -14.38 -14.24 -0.96
C ALA A 105 -13.25 -13.31 -1.45
N MET A 106 -12.40 -12.85 -0.56
CA MET A 106 -11.31 -11.93 -0.95
C MET A 106 -10.37 -12.68 -1.93
N MET A 107 -9.98 -13.90 -1.60
CA MET A 107 -9.02 -14.63 -2.41
C MET A 107 -9.62 -14.93 -3.77
N HIS A 108 -10.92 -15.18 -3.80
CA HIS A 108 -11.59 -15.47 -5.05
C HIS A 108 -11.76 -14.19 -5.87
N ALA A 109 -12.00 -13.05 -5.21
CA ALA A 109 -12.00 -11.75 -5.91
C ALA A 109 -10.66 -11.49 -6.61
N LEU A 110 -9.56 -11.79 -5.89
CA LEU A 110 -8.19 -11.51 -6.40
C LEU A 110 -7.89 -12.34 -7.63
N GLU A 111 -8.60 -13.48 -7.79
CA GLU A 111 -8.47 -14.31 -8.99
C GLU A 111 -9.31 -13.84 -10.16
N VAL A 112 -10.30 -12.98 -9.90
CA VAL A 112 -11.21 -12.49 -10.93
C VAL A 112 -10.62 -11.19 -11.49
N LEU A 113 -9.82 -10.51 -10.68
CA LEU A 113 -9.19 -9.24 -11.10
C LEU A 113 -8.17 -9.43 -12.20
N SER B 2 11.04 13.63 -21.52
CA SER B 2 9.60 13.91 -21.27
C SER B 2 9.34 15.40 -21.10
N MET B 3 8.33 15.89 -21.81
CA MET B 3 7.95 17.31 -21.78
C MET B 3 6.87 17.60 -20.75
N SER B 4 6.39 16.55 -20.08
CA SER B 4 5.37 16.70 -19.06
C SER B 4 5.95 16.54 -17.65
N GLU B 5 7.22 16.12 -17.56
CA GLU B 5 7.84 15.79 -16.26
C GLU B 5 9.21 16.40 -16.05
N GLN B 6 9.45 16.83 -14.82
CA GLN B 6 10.75 17.33 -14.41
C GLN B 6 11.25 16.41 -13.32
N SER B 7 12.53 16.04 -13.40
CA SER B 7 13.19 15.30 -12.33
C SER B 7 13.42 16.27 -11.17
N ILE B 8 12.87 15.96 -10.00
CA ILE B 8 13.16 16.78 -8.82
C ILE B 8 14.31 16.28 -7.94
N CYS B 9 14.83 15.08 -8.21
CA CYS B 9 15.99 14.59 -7.47
C CYS B 9 16.52 13.37 -8.18
N GLN B 10 17.76 13.07 -7.86
CA GLN B 10 18.42 11.90 -8.40
C GLN B 10 19.27 11.31 -7.30
N ALA B 11 19.08 10.02 -7.03
CA ALA B 11 19.83 9.39 -5.94
C ALA B 11 20.19 7.97 -6.30
N ARG B 12 21.29 7.51 -5.74
CA ARG B 12 21.80 6.19 -6.05
C ARG B 12 21.34 5.23 -4.96
N ALA B 13 20.71 4.12 -5.36
CA ALA B 13 20.21 3.17 -4.33
C ALA B 13 20.00 1.81 -5.01
N ALA B 14 20.11 0.76 -4.21
CA ALA B 14 19.70 -0.58 -4.59
C ALA B 14 18.23 -0.68 -4.26
N VAL B 15 17.42 -0.92 -5.28
CA VAL B 15 15.97 -0.92 -5.13
C VAL B 15 15.54 -2.32 -4.77
N MET B 16 14.72 -2.43 -3.72
CA MET B 16 14.26 -3.73 -3.26
C MET B 16 12.75 -3.76 -3.14
N VAL B 17 12.19 -4.97 -3.15
CA VAL B 17 10.76 -5.13 -2.87
C VAL B 17 10.66 -6.25 -1.82
N TYR B 18 9.62 -6.19 -1.00
CA TYR B 18 9.48 -7.17 0.06
C TYR B 18 8.65 -8.36 -0.43
N ASP B 19 9.14 -9.55 -0.19
CA ASP B 19 8.41 -10.78 -0.45
C ASP B 19 7.47 -11.01 0.72
N ASP B 20 6.18 -10.74 0.52
CA ASP B 20 5.21 -10.81 1.61
C ASP B 20 4.99 -12.21 2.12
N ALA B 21 5.22 -13.23 1.27
CA ALA B 21 5.07 -14.61 1.66
C ALA B 21 6.23 -15.00 2.56
N ASN B 22 7.46 -14.96 2.04
CA ASN B 22 8.59 -15.53 2.79
C ASN B 22 9.31 -14.53 3.69
N LYS B 23 8.80 -13.29 3.70
CA LYS B 23 9.24 -12.24 4.63
C LYS B 23 10.72 -11.89 4.42
N LYS B 24 11.07 -11.52 3.18
CA LYS B 24 12.49 -11.29 2.81
C LYS B 24 12.50 -10.13 1.86
N TRP B 25 13.55 -9.30 1.93
CA TRP B 25 13.77 -8.28 0.86
C TRP B 25 14.44 -8.95 -0.31
N VAL B 26 13.89 -8.67 -1.48
CA VAL B 26 14.46 -9.15 -2.72
C VAL B 26 14.78 -7.99 -3.66
N PRO B 27 15.80 -8.17 -4.52
CA PRO B 27 16.07 -7.09 -5.45
C PRO B 27 14.99 -6.84 -6.46
N ALA B 28 14.63 -5.56 -6.65
CA ALA B 28 13.65 -5.18 -7.63
C ALA B 28 14.16 -5.52 -9.02
N GLY B 29 13.34 -6.25 -9.78
CA GLY B 29 13.68 -6.65 -11.15
C GLY B 29 14.63 -7.82 -11.24
N GLY B 30 15.00 -8.42 -10.09
CA GLY B 30 15.74 -9.69 -10.09
C GLY B 30 17.21 -9.77 -9.74
N SER B 31 17.96 -8.66 -9.89
CA SER B 31 19.33 -8.72 -9.46
C SER B 31 19.79 -7.50 -8.66
N THR B 32 20.65 -7.77 -7.69
CA THR B 32 21.06 -6.75 -6.75
C THR B 32 22.12 -5.86 -7.37
N GLY B 33 21.83 -4.56 -7.37
CA GLY B 33 22.81 -3.55 -7.77
C GLY B 33 22.25 -2.15 -7.69
N PHE B 34 23.11 -1.16 -7.89
CA PHE B 34 22.69 0.26 -7.79
C PHE B 34 21.92 0.79 -8.98
N SER B 35 20.89 1.54 -8.66
CA SER B 35 20.03 2.16 -9.65
C SER B 35 20.10 3.66 -9.45
N ARG B 36 19.78 4.40 -10.50
CA ARG B 36 19.62 5.86 -10.40
C ARG B 36 18.13 6.08 -10.23
N VAL B 37 17.73 6.57 -9.06
CA VAL B 37 16.33 6.69 -8.74
C VAL B 37 15.89 8.15 -8.78
N HIS B 38 14.83 8.46 -9.53
CA HIS B 38 14.32 9.82 -9.61
C HIS B 38 12.94 9.89 -8.99
N ILE B 39 12.58 11.07 -8.51
CA ILE B 39 11.20 11.41 -8.38
C ILE B 39 10.92 12.38 -9.51
N TYR B 40 9.95 12.03 -10.35
CA TYR B 40 9.43 12.90 -11.41
C TYR B 40 8.13 13.56 -11.05
N HIS B 41 8.07 14.87 -11.35
CA HIS B 41 6.92 15.68 -11.05
C HIS B 41 6.32 16.02 -12.38
N HIS B 42 5.05 15.66 -12.54
CA HIS B 42 4.23 16.08 -13.68
C HIS B 42 3.55 17.38 -13.28
N THR B 43 4.16 18.50 -13.66
CA THR B 43 3.66 19.82 -13.21
C THR B 43 2.23 20.05 -13.70
N GLY B 44 1.98 19.63 -14.95
CA GLY B 44 0.64 19.57 -15.54
C GLY B 44 -0.48 19.13 -14.62
N ASN B 45 -0.34 17.96 -14.01
CA ASN B 45 -1.39 17.39 -13.15
C ASN B 45 -1.07 17.35 -11.65
N ASN B 46 0.11 17.86 -11.29
CA ASN B 46 0.59 17.82 -9.90
C ASN B 46 0.62 16.40 -9.36
N THR B 47 1.23 15.52 -10.14
CA THR B 47 1.43 14.13 -9.68
C THR B 47 2.90 13.80 -9.69
N PHE B 48 3.27 12.79 -8.89
CA PHE B 48 4.66 12.46 -8.75
C PHE B 48 4.81 10.93 -8.86
N ARG B 49 5.96 10.49 -9.32
CA ARG B 49 6.24 9.07 -9.38
C ARG B 49 7.73 8.84 -9.15
N VAL B 50 8.07 7.65 -8.65
CA VAL B 50 9.46 7.25 -8.44
C VAL B 50 9.88 6.36 -9.58
N VAL B 51 11.04 6.65 -10.18
CA VAL B 51 11.48 5.87 -11.35
C VAL B 51 12.95 5.58 -11.22
N GLY B 52 13.29 4.30 -11.32
CA GLY B 52 14.66 3.87 -11.09
C GLY B 52 15.11 2.91 -12.16
N ARG B 53 16.33 3.13 -12.64
CA ARG B 53 16.93 2.31 -13.68
C ARG B 53 18.26 1.88 -13.14
N LYS B 54 18.58 0.59 -13.32
CA LYS B 54 19.89 0.05 -13.00
C LYS B 54 21.03 0.82 -13.68
N ILE B 55 22.12 1.05 -12.96
CA ILE B 55 23.21 1.91 -13.47
C ILE B 55 23.90 1.22 -14.66
N GLN B 56 24.35 0.00 -14.45
CA GLN B 56 25.13 -0.70 -15.49
C GLN B 56 24.34 -1.18 -16.73
N ASP B 57 23.06 -1.50 -16.61
CA ASP B 57 22.33 -1.99 -17.79
C ASP B 57 21.01 -1.31 -18.12
N HIS B 58 20.65 -0.27 -17.36
CA HIS B 58 19.45 0.54 -17.63
C HIS B 58 18.10 -0.17 -17.52
N GLN B 59 18.06 -1.29 -16.81
CA GLN B 59 16.79 -1.93 -16.50
C GLN B 59 15.92 -1.06 -15.57
N VAL B 60 14.69 -0.76 -16.01
CA VAL B 60 13.69 -0.09 -15.16
C VAL B 60 13.30 -1.05 -14.03
N VAL B 61 13.72 -0.73 -12.81
CA VAL B 61 13.44 -1.60 -11.65
C VAL B 61 12.28 -1.08 -10.77
N ILE B 62 11.88 0.17 -10.96
CA ILE B 62 10.76 0.74 -10.22
C ILE B 62 10.15 1.88 -11.01
N ASN B 63 8.83 1.93 -10.99
CA ASN B 63 8.08 2.94 -11.68
C ASN B 63 6.74 2.95 -10.97
N CYS B 64 6.66 3.76 -9.92
CA CYS B 64 5.48 3.76 -9.09
C CYS B 64 5.04 5.17 -8.72
N ALA B 65 3.72 5.36 -8.72
CA ALA B 65 3.09 6.59 -8.32
C ALA B 65 3.32 6.87 -6.83
N ILE B 66 3.43 8.15 -6.49
CA ILE B 66 3.43 8.60 -5.08
C ILE B 66 2.07 9.25 -4.85
N PRO B 67 1.11 8.54 -4.25
CA PRO B 67 -0.19 9.14 -3.97
C PRO B 67 -0.20 10.09 -2.77
N LYS B 68 -1.13 11.04 -2.76
CA LYS B 68 -1.34 11.87 -1.59
C LYS B 68 -1.56 11.00 -0.33
N GLY B 69 -0.92 11.38 0.76
CA GLY B 69 -1.04 10.65 2.04
C GLY B 69 -0.14 9.44 2.21
N LEU B 70 0.67 9.13 1.20
CA LEU B 70 1.65 8.05 1.33
C LEU B 70 2.46 8.17 2.63
N LYS B 71 2.63 7.06 3.31
CA LYS B 71 3.46 6.97 4.54
C LYS B 71 4.88 6.50 4.18
N TYR B 72 5.86 7.37 4.38
CA TYR B 72 7.20 7.05 3.94
C TYR B 72 8.00 6.85 5.18
N ASN B 73 8.60 5.67 5.30
CA ASN B 73 9.25 5.28 6.55
C ASN B 73 10.75 5.35 6.38
N GLN B 74 11.43 6.13 7.23
CA GLN B 74 12.89 6.11 7.19
C GLN B 74 13.40 5.17 8.26
N ALA B 75 13.54 3.88 7.90
CA ALA B 75 13.92 2.86 8.87
C ALA B 75 15.32 3.13 9.43
N THR B 76 16.23 3.48 8.54
CA THR B 76 17.60 3.84 8.91
C THR B 76 18.11 4.97 8.04
N GLN B 77 19.33 5.44 8.33
CA GLN B 77 19.88 6.56 7.58
C GLN B 77 20.08 6.16 6.14
N THR B 78 20.15 4.85 5.85
CA THR B 78 20.32 4.45 4.48
C THR B 78 19.27 3.48 3.90
N PHE B 79 18.17 3.28 4.60
CA PHE B 79 17.14 2.38 4.05
C PHE B 79 15.78 2.98 4.39
N HIS B 80 15.06 3.34 3.34
CA HIS B 80 13.75 3.98 3.47
C HIS B 80 12.77 3.13 2.68
N GLN B 81 11.49 3.24 2.99
CA GLN B 81 10.53 2.30 2.39
C GLN B 81 9.13 2.85 2.42
N TRP B 82 8.26 2.33 1.55
CA TRP B 82 6.89 2.71 1.56
C TRP B 82 6.09 1.55 0.97
N ARG B 83 4.78 1.64 1.05
CA ARG B 83 3.99 0.47 0.56
C ARG B 83 2.92 0.83 -0.42
N ASP B 84 2.48 -0.19 -1.14
CA ASP B 84 1.18 -0.18 -1.78
C ASP B 84 0.49 -1.51 -1.47
N ALA B 85 -0.67 -1.75 -2.06
CA ALA B 85 -1.43 -2.98 -1.69
C ALA B 85 -0.64 -4.24 -2.05
N ARG B 86 0.18 -4.15 -3.09
CA ARG B 86 0.87 -5.29 -3.69
C ARG B 86 2.20 -5.63 -3.07
N GLN B 87 2.95 -4.62 -2.64
CA GLN B 87 4.28 -4.91 -2.13
C GLN B 87 4.80 -3.69 -1.37
N VAL B 88 5.87 -3.92 -0.64
CA VAL B 88 6.52 -2.81 0.02
C VAL B 88 7.79 -2.60 -0.79
N TYR B 89 8.10 -1.33 -1.07
CA TYR B 89 9.30 -0.93 -1.76
C TYR B 89 10.31 -0.47 -0.74
N GLY B 90 11.58 -0.73 -1.02
CA GLY B 90 12.65 -0.30 -0.13
C GLY B 90 13.81 0.21 -0.96
N LEU B 91 14.49 1.23 -0.43
CA LEU B 91 15.63 1.81 -1.13
C LEU B 91 16.81 1.71 -0.16
N ASN B 92 17.81 0.96 -0.59
CA ASN B 92 19.04 0.86 0.15
C ASN B 92 20.04 1.83 -0.51
N PHE B 93 20.13 3.01 0.08
CA PHE B 93 20.88 4.10 -0.54
C PHE B 93 22.38 3.87 -0.46
N GLY B 94 23.06 4.32 -1.50
CA GLY B 94 24.51 4.21 -1.64
C GLY B 94 25.25 5.05 -0.61
N SER B 95 24.64 6.16 -0.17
CA SER B 95 25.24 6.99 0.87
C SER B 95 24.12 7.63 1.69
N LYS B 96 24.49 8.23 2.79
CA LYS B 96 23.56 9.02 3.57
C LYS B 96 23.09 10.21 2.79
N GLU B 97 24.00 10.80 2.00
CA GLU B 97 23.66 11.93 1.15
C GLU B 97 22.58 11.58 0.13
N ASP B 98 22.72 10.43 -0.54
CA ASP B 98 21.67 9.95 -1.43
C ASP B 98 20.32 9.86 -0.70
N ALA B 99 20.33 9.24 0.47
CA ALA B 99 19.11 9.13 1.29
C ALA B 99 18.48 10.49 1.63
N ASN B 100 19.32 11.47 1.96
CA ASN B 100 18.78 12.79 2.37
C ASN B 100 18.15 13.49 1.18
N VAL B 101 18.79 13.34 0.03
CA VAL B 101 18.33 13.98 -1.20
C VAL B 101 16.97 13.41 -1.61
N PHE B 102 16.88 12.08 -1.65
CA PHE B 102 15.64 11.43 -2.02
C PHE B 102 14.54 11.73 -1.01
N ALA B 103 14.88 11.62 0.26
CA ALA B 103 13.89 11.79 1.33
C ALA B 103 13.33 13.21 1.35
N SER B 104 14.20 14.20 1.14
CA SER B 104 13.80 15.63 1.07
C SER B 104 12.79 15.85 -0.05
N ALA B 105 13.14 15.35 -1.22
CA ALA B 105 12.24 15.44 -2.37
C ALA B 105 10.90 14.72 -2.13
N MET B 106 10.94 13.52 -1.53
CA MET B 106 9.71 12.78 -1.25
C MET B 106 8.82 13.54 -0.26
N MET B 107 9.39 14.07 0.82
CA MET B 107 8.55 14.83 1.76
C MET B 107 8.00 16.11 1.13
N HIS B 108 8.77 16.71 0.23
CA HIS B 108 8.28 17.83 -0.54
C HIS B 108 7.07 17.45 -1.40
N ALA B 109 7.20 16.35 -2.15
CA ALA B 109 6.09 15.81 -2.97
C ALA B 109 4.85 15.67 -2.10
N LEU B 110 4.98 14.97 -0.99
CA LEU B 110 3.83 14.70 -0.14
C LEU B 110 3.20 15.98 0.41
N GLU B 111 4.01 17.01 0.59
CA GLU B 111 3.59 18.30 1.11
C GLU B 111 2.79 19.13 0.08
N VAL B 112 2.94 18.86 -1.21
CA VAL B 112 2.30 19.69 -2.25
C VAL B 112 1.20 18.93 -3.03
N LEU B 113 1.11 17.62 -2.82
CA LEU B 113 0.04 16.78 -3.38
C LEU B 113 -1.35 17.14 -2.84
#